data_6MFS
#
_entry.id   6MFS
#
_cell.length_a   39.686
_cell.length_b   73.055
_cell.length_c   162.342
_cell.angle_alpha   90.00
_cell.angle_beta   90.00
_cell.angle_gamma   90.00
#
_symmetry.space_group_name_H-M   'P 2 21 21'
#
loop_
_entity.id
_entity.type
_entity.pdbx_description
1 polymer 'Talin-1 fusion'
2 non-polymer '[(2R)-2-octanoyloxy-3-[oxidanyl-[(1R,2R,3S,4R,5R,6S)-2,3,6-tris(oxidanyl)-4,5-diphosphonooxy-cyclohexyl]oxy-phosphoryl]oxy-propyl] octanoate'
3 non-polymer 'PHOSPHATE ION'
4 water water
#
_entity_poly.entity_id   1
_entity_poly.type   'polypeptide(L)'
_entity_poly.pdbx_seq_one_letter_code
;GPMVALSLKISIGNVVKTMQFEPSTMVYDACRMIRERIPEALAGPPNDFGLFLSDDDPKKGIWLEAGKALDYYMLRNGDT
MEYRKKQRPLKIRMLDGTVKTIMVDDSKTVTDMLMTICARIGITNHDEYSLVRELMEEKKDELNWLDHGRTLREQGVEEH
ETLLLRRKFFYSDQNVDSRDPVQLNLLYVQARDDILNGSHPVSFDKACEFAGFQCQIQFGPHNEQKHKAGFLDLKDFLPK
EYVKQKGERKIFQAHKNCGQMSEIEAKVRYVKLARSLKTYGVSFFLVKEKMKGKNKLVPRLLGITKECVMRVDEKTKEVI
QEWSLTNIKRWAASPKSFTLDFGDYQDGYYSVQTTEGEQIAQLIAGYIDIIL
;
_entity_poly.pdbx_strand_id   A
#
# COMPACT_ATOMS: atom_id res chain seq x y z
N MET A 3 -0.56 -25.81 51.85
CA MET A 3 0.82 -26.27 51.61
C MET A 3 0.85 -27.53 50.67
N VAL A 4 0.00 -27.54 49.61
CA VAL A 4 -0.05 -28.57 48.56
C VAL A 4 0.88 -28.02 47.42
N ALA A 5 2.19 -28.08 47.71
CA ALA A 5 3.25 -27.55 46.89
C ALA A 5 3.30 -28.09 45.44
N LEU A 6 3.81 -27.25 44.52
CA LEU A 6 4.08 -27.47 43.11
C LEU A 6 5.57 -27.75 42.93
N SER A 7 5.92 -28.91 42.39
CA SER A 7 7.28 -29.30 42.11
C SER A 7 7.54 -29.01 40.65
N LEU A 8 8.37 -27.99 40.37
CA LEU A 8 8.65 -27.55 39.01
C LEU A 8 10.15 -27.64 38.72
N LYS A 9 10.49 -28.09 37.53
CA LYS A 9 11.89 -28.15 37.11
C LYS A 9 12.29 -26.77 36.60
N ILE A 10 13.36 -26.20 37.16
CA ILE A 10 13.80 -24.88 36.75
C ILE A 10 15.03 -25.04 35.88
N SER A 11 14.92 -24.59 34.64
CA SER A 11 15.99 -24.65 33.66
C SER A 11 16.67 -23.31 33.52
N ILE A 12 17.97 -23.24 33.81
CA ILE A 12 18.79 -22.03 33.62
C ILE A 12 20.05 -22.49 32.96
N GLY A 13 20.22 -22.17 31.69
CA GLY A 13 21.37 -22.64 30.95
C GLY A 13 21.38 -24.16 30.94
N ASN A 14 22.44 -24.77 31.49
CA ASN A 14 22.53 -26.25 31.54
C ASN A 14 22.05 -26.80 32.87
N VAL A 15 21.79 -25.92 33.85
CA VAL A 15 21.30 -26.28 35.17
C VAL A 15 19.83 -26.65 35.10
N VAL A 16 19.45 -27.69 35.87
CA VAL A 16 18.07 -28.12 36.08
C VAL A 16 17.90 -28.39 37.54
N LYS A 17 17.22 -27.49 38.24
CA LYS A 17 16.97 -27.72 39.65
C LYS A 17 15.46 -27.82 39.89
N THR A 18 15.02 -28.86 40.58
CA THR A 18 13.61 -28.98 40.89
C THR A 18 13.32 -28.18 42.14
N MET A 19 12.37 -27.26 42.04
CA MET A 19 12.01 -26.38 43.14
C MET A 19 10.54 -26.50 43.48
N GLN A 20 10.23 -26.39 44.78
CA GLN A 20 8.86 -26.44 45.29
C GLN A 20 8.29 -25.04 45.47
N PHE A 21 7.06 -24.82 44.98
CA PHE A 21 6.33 -23.55 45.12
C PHE A 21 4.88 -23.79 45.52
N GLU A 22 4.27 -22.89 46.28
CA GLU A 22 2.82 -23.05 46.53
C GLU A 22 2.13 -22.65 45.20
N PRO A 23 1.04 -23.31 44.76
CA PRO A 23 0.40 -22.92 43.49
C PRO A 23 -0.06 -21.46 43.44
N SER A 24 -0.25 -20.82 44.60
CA SER A 24 -0.67 -19.43 44.69
C SER A 24 0.53 -18.47 44.61
N THR A 25 1.77 -18.99 44.52
CA THR A 25 2.97 -18.14 44.45
C THR A 25 2.93 -17.27 43.19
N MET A 26 3.21 -15.98 43.37
CA MET A 26 3.31 -15.00 42.30
C MET A 26 4.56 -15.24 41.49
N VAL A 27 4.45 -15.06 40.16
CA VAL A 27 5.57 -15.23 39.25
C VAL A 27 6.75 -14.37 39.72
N TYR A 28 6.51 -13.10 40.13
CA TYR A 28 7.61 -12.24 40.58
C TYR A 28 8.29 -12.84 41.81
N ASP A 29 7.54 -13.49 42.73
CA ASP A 29 8.13 -14.14 43.89
C ASP A 29 8.90 -15.39 43.50
N ALA A 30 8.34 -16.19 42.57
CA ALA A 30 9.03 -17.39 42.06
C ALA A 30 10.40 -17.03 41.52
N CYS A 31 10.50 -15.90 40.76
CA CYS A 31 11.74 -15.40 40.19
C CYS A 31 12.74 -15.06 41.29
N ARG A 32 12.27 -14.39 42.36
CA ARG A 32 13.12 -14.01 43.50
C ARG A 32 13.74 -15.26 44.12
N MET A 33 12.89 -16.28 44.39
CA MET A 33 13.28 -17.56 44.98
C MET A 33 14.37 -18.27 44.13
N ILE A 34 14.28 -18.16 42.81
CA ILE A 34 15.25 -18.74 41.87
C ILE A 34 16.56 -17.96 41.96
N ARG A 35 16.47 -16.62 42.08
CA ARG A 35 17.67 -15.74 42.17
C ARG A 35 18.42 -15.93 43.48
N GLU A 36 17.78 -16.45 44.51
CA GLU A 36 18.41 -16.69 45.79
C GLU A 36 19.09 -18.06 45.87
N ARG A 37 18.88 -18.92 44.87
CA ARG A 37 19.35 -20.29 44.94
C ARG A 37 20.27 -20.70 43.85
N ILE A 38 20.10 -20.16 42.62
CA ILE A 38 20.92 -20.53 41.45
C ILE A 38 21.77 -19.34 41.03
N PRO A 39 23.12 -19.44 41.07
CA PRO A 39 23.95 -18.24 40.77
C PRO A 39 23.82 -17.75 39.35
N GLU A 40 23.50 -18.68 38.42
CA GLU A 40 23.26 -18.40 37.01
C GLU A 40 22.14 -17.35 36.83
N ALA A 41 21.22 -17.32 37.78
CA ALA A 41 20.07 -16.42 37.75
C ALA A 41 20.46 -14.96 38.00
N LEU A 42 21.67 -14.71 38.49
CA LEU A 42 22.15 -13.38 38.81
C LEU A 42 22.98 -12.72 37.71
N ALA A 43 23.01 -13.31 36.51
CA ALA A 43 23.81 -12.83 35.38
C ALA A 43 23.37 -11.46 34.78
N GLY A 44 22.24 -10.94 35.26
CA GLY A 44 21.70 -9.65 34.86
C GLY A 44 20.64 -9.15 35.84
N PRO A 45 20.05 -7.97 35.59
CA PRO A 45 19.00 -7.48 36.52
C PRO A 45 17.68 -8.29 36.45
N PRO A 46 16.84 -8.27 37.52
CA PRO A 46 15.58 -9.05 37.48
C PRO A 46 14.65 -8.66 36.33
N ASN A 47 14.71 -7.42 35.87
CA ASN A 47 13.87 -6.89 34.79
C ASN A 47 14.33 -7.34 33.39
N ASP A 48 15.50 -8.00 33.29
CA ASP A 48 16.00 -8.53 32.03
C ASP A 48 15.68 -10.01 31.89
N PHE A 49 15.10 -10.62 32.94
CA PHE A 49 14.74 -12.04 32.98
C PHE A 49 13.30 -12.23 33.29
N GLY A 50 12.81 -13.41 32.95
CA GLY A 50 11.45 -13.81 33.27
C GLY A 50 11.33 -15.32 33.25
N LEU A 51 10.12 -15.80 33.48
CA LEU A 51 9.84 -17.22 33.41
C LEU A 51 9.10 -17.51 32.15
N PHE A 52 9.52 -18.57 31.48
CA PHE A 52 9.03 -18.88 30.15
C PHE A 52 8.70 -20.37 30.03
N LEU A 53 7.53 -20.64 29.40
CA LEU A 53 7.06 -21.99 29.10
C LEU A 53 7.19 -22.25 27.62
N SER A 54 8.20 -23.04 27.27
CA SER A 54 8.57 -23.37 25.91
C SER A 54 7.59 -24.31 25.23
N ASP A 55 7.65 -24.28 23.89
CA ASP A 55 6.89 -25.12 22.97
C ASP A 55 7.77 -25.36 21.80
N ASP A 56 7.61 -26.52 21.15
CA ASP A 56 8.40 -26.91 19.96
C ASP A 56 8.27 -25.83 18.88
N ASP A 57 7.03 -25.26 18.78
CA ASP A 57 6.70 -24.14 17.95
C ASP A 57 7.07 -22.88 18.74
N PRO A 58 8.12 -22.16 18.30
CA PRO A 58 8.54 -20.95 19.04
C PRO A 58 7.39 -19.95 19.25
N LYS A 59 6.45 -19.86 18.28
CA LYS A 59 5.27 -18.99 18.33
C LYS A 59 4.32 -19.32 19.47
N LYS A 60 4.42 -20.55 20.02
CA LYS A 60 3.54 -21.01 21.09
C LYS A 60 4.17 -20.94 22.52
N GLY A 61 5.45 -20.49 22.62
CA GLY A 61 6.16 -20.28 23.88
C GLY A 61 5.55 -19.08 24.57
N ILE A 62 5.41 -19.12 25.89
CA ILE A 62 4.76 -18.01 26.59
C ILE A 62 5.51 -17.55 27.82
N TRP A 63 5.60 -16.23 27.96
CA TRP A 63 6.19 -15.53 29.09
C TRP A 63 5.14 -15.35 30.11
N LEU A 64 5.50 -15.64 31.36
CA LEU A 64 4.58 -15.50 32.46
C LEU A 64 4.56 -14.04 32.90
N GLU A 65 3.39 -13.56 33.35
CA GLU A 65 3.25 -12.20 33.84
C GLU A 65 3.61 -12.18 35.31
N ALA A 66 4.50 -11.24 35.73
CA ALA A 66 4.98 -11.08 37.12
C ALA A 66 3.84 -11.07 38.17
N GLY A 67 2.78 -10.32 37.88
CA GLY A 67 1.62 -10.16 38.73
C GLY A 67 0.64 -11.30 38.80
N LYS A 68 0.85 -12.41 38.06
CA LYS A 68 -0.04 -13.59 38.06
C LYS A 68 0.48 -14.67 38.99
N ALA A 69 -0.39 -15.54 39.46
CA ALA A 69 0.01 -16.70 40.25
C ALA A 69 0.37 -17.88 39.32
N LEU A 70 1.27 -18.73 39.80
CA LEU A 70 1.71 -19.89 39.04
C LEU A 70 0.53 -20.80 38.65
N ASP A 71 -0.53 -20.91 39.51
CA ASP A 71 -1.68 -21.79 39.22
C ASP A 71 -2.55 -21.27 38.08
N TYR A 72 -2.42 -19.96 37.72
CA TYR A 72 -3.11 -19.33 36.58
C TYR A 72 -2.67 -20.00 35.29
N TYR A 73 -1.44 -20.47 35.29
CA TYR A 73 -0.87 -21.07 34.10
C TYR A 73 -1.02 -22.58 34.07
N MET A 74 -1.92 -23.12 34.90
CA MET A 74 -2.29 -24.53 34.90
C MET A 74 -1.05 -25.46 35.02
N LEU A 75 -0.09 -25.01 35.84
CA LEU A 75 1.16 -25.72 36.07
C LEU A 75 0.93 -26.92 36.94
N ARG A 76 1.67 -28.00 36.64
CA ARG A 76 1.56 -29.28 37.34
C ARG A 76 2.92 -29.81 37.71
N ASN A 77 2.96 -30.66 38.75
CA ASN A 77 4.19 -31.31 39.21
C ASN A 77 4.95 -31.93 38.02
N GLY A 78 6.24 -31.59 37.89
CA GLY A 78 7.11 -32.13 36.86
C GLY A 78 7.23 -31.30 35.60
N ASP A 79 6.46 -30.19 35.52
CA ASP A 79 6.58 -29.25 34.40
C ASP A 79 7.88 -28.50 34.56
N THR A 80 8.49 -28.19 33.43
CA THR A 80 9.71 -27.40 33.39
C THR A 80 9.37 -25.95 33.10
N MET A 81 10.07 -25.05 33.79
CA MET A 81 9.99 -23.61 33.64
C MET A 81 11.38 -23.15 33.35
N GLU A 82 11.54 -22.29 32.34
CA GLU A 82 12.86 -21.74 32.04
C GLU A 82 12.98 -20.33 32.60
N TYR A 83 14.07 -20.04 33.35
CA TYR A 83 14.34 -18.70 33.83
C TYR A 83 15.25 -18.12 32.79
N ARG A 84 14.63 -17.40 31.84
CA ARG A 84 15.22 -16.99 30.58
C ARG A 84 15.34 -15.46 30.41
N LYS A 85 16.35 -15.00 29.61
CA LYS A 85 16.57 -13.58 29.30
C LYS A 85 15.54 -13.11 28.29
N LYS A 86 14.83 -12.03 28.64
CA LYS A 86 13.74 -11.44 27.85
C LYS A 86 14.28 -10.65 26.68
N GLN A 87 15.37 -9.89 26.91
CA GLN A 87 15.98 -8.95 25.96
C GLN A 87 16.53 -9.63 24.71
N ARG A 88 15.95 -9.28 23.56
CA ARG A 88 16.28 -9.81 22.24
C ARG A 88 16.63 -8.67 21.24
N PRO A 89 17.29 -8.95 20.09
CA PRO A 89 17.55 -7.87 19.15
C PRO A 89 16.41 -7.71 18.14
N LEU A 90 16.10 -6.43 17.82
CA LEU A 90 15.11 -6.05 16.82
C LEU A 90 15.68 -5.00 15.84
N LYS A 91 15.80 -5.44 14.56
CA LYS A 91 16.27 -4.65 13.42
C LYS A 91 15.10 -3.87 12.88
N ILE A 92 15.21 -2.54 12.87
CA ILE A 92 14.14 -1.64 12.41
C ILE A 92 14.66 -0.78 11.27
N ARG A 93 13.99 -0.80 10.12
CA ARG A 93 14.35 0.08 9.01
C ARG A 93 13.77 1.49 9.24
N MET A 94 14.66 2.48 9.37
CA MET A 94 14.30 3.89 9.57
C MET A 94 13.75 4.51 8.29
N LEU A 95 13.12 5.67 8.45
CA LEU A 95 12.53 6.47 7.37
C LEU A 95 13.58 6.85 6.33
N ASP A 96 14.84 7.01 6.77
CA ASP A 96 15.99 7.33 5.96
C ASP A 96 16.63 6.05 5.29
N GLY A 97 15.98 4.89 5.45
CA GLY A 97 16.46 3.64 4.87
C GLY A 97 17.54 2.88 5.62
N THR A 98 18.11 3.48 6.67
CA THR A 98 19.10 2.79 7.49
C THR A 98 18.39 1.78 8.43
N VAL A 99 19.11 0.77 8.89
CA VAL A 99 18.59 -0.25 9.79
C VAL A 99 19.22 -0.09 11.19
N LYS A 100 18.40 0.18 12.21
CA LYS A 100 18.88 0.29 13.60
C LYS A 100 18.49 -1.01 14.36
N THR A 101 19.46 -1.65 15.04
CA THR A 101 19.24 -2.86 15.85
C THR A 101 19.09 -2.42 17.30
N ILE A 102 17.99 -2.79 17.94
CA ILE A 102 17.73 -2.38 19.33
C ILE A 102 17.27 -3.55 20.17
N MET A 103 17.74 -3.60 21.42
CA MET A 103 17.38 -4.67 22.35
C MET A 103 16.00 -4.36 22.87
N VAL A 104 15.06 -5.30 22.62
CA VAL A 104 13.64 -5.23 23.00
C VAL A 104 13.25 -6.43 23.87
N ASP A 105 12.23 -6.23 24.72
CA ASP A 105 11.69 -7.23 25.62
C ASP A 105 10.70 -8.12 24.84
N ASP A 106 11.09 -9.39 24.60
CA ASP A 106 10.31 -10.34 23.81
C ASP A 106 8.90 -10.57 24.34
N SER A 107 8.67 -10.30 25.65
CA SER A 107 7.35 -10.50 26.23
C SER A 107 6.41 -9.32 25.92
N LYS A 108 6.93 -8.19 25.42
CA LYS A 108 6.13 -7.00 25.14
C LYS A 108 5.41 -7.08 23.79
N THR A 109 4.31 -6.30 23.68
CA THR A 109 3.52 -6.18 22.46
C THR A 109 4.28 -5.33 21.45
N VAL A 110 3.86 -5.37 20.19
CA VAL A 110 4.42 -4.56 19.12
C VAL A 110 4.26 -3.06 19.47
N THR A 111 3.10 -2.69 20.05
CA THR A 111 2.82 -1.31 20.47
C THR A 111 3.87 -0.86 21.49
N ASP A 112 4.10 -1.65 22.56
CA ASP A 112 5.07 -1.32 23.57
C ASP A 112 6.48 -1.23 22.97
N MET A 113 6.81 -2.07 21.99
CA MET A 113 8.13 -1.94 21.38
C MET A 113 8.22 -0.67 20.57
N LEU A 114 7.17 -0.31 19.83
CA LEU A 114 7.13 0.91 19.02
C LEU A 114 7.29 2.18 19.91
N MET A 115 6.69 2.16 21.11
CA MET A 115 6.79 3.28 22.05
C MET A 115 8.24 3.42 22.50
N THR A 116 8.92 2.29 22.79
CA THR A 116 10.32 2.25 23.18
C THR A 116 11.20 2.75 22.03
N ILE A 117 10.90 2.30 20.80
CA ILE A 117 11.64 2.68 19.59
C ILE A 117 11.57 4.19 19.38
N CYS A 118 10.34 4.78 19.39
CA CYS A 118 10.11 6.21 19.16
C CYS A 118 10.90 7.07 20.14
N ALA A 119 10.85 6.70 21.43
CA ALA A 119 11.56 7.40 22.50
C ALA A 119 13.08 7.40 22.27
N ARG A 120 13.66 6.26 21.84
CA ARG A 120 15.08 6.20 21.57
C ARG A 120 15.47 7.10 20.38
N ILE A 121 14.61 7.22 19.36
CA ILE A 121 14.95 8.07 18.21
C ILE A 121 14.29 9.47 18.28
N GLY A 122 13.78 9.85 19.44
CA GLY A 122 13.19 11.17 19.66
C GLY A 122 11.94 11.53 18.88
N ILE A 123 11.02 10.55 18.72
CA ILE A 123 9.74 10.77 18.04
C ILE A 123 8.67 11.09 19.11
N THR A 124 8.03 12.25 18.91
CA THR A 124 7.05 12.91 19.77
C THR A 124 5.68 12.22 19.86
N ASN A 125 5.25 11.46 18.81
CA ASN A 125 3.96 10.75 18.83
C ASN A 125 4.05 9.39 18.12
N HIS A 126 4.18 8.31 18.91
CA HIS A 126 4.27 6.93 18.42
C HIS A 126 2.97 6.44 17.72
N ASP A 127 1.85 7.10 18.00
CA ASP A 127 0.54 6.79 17.45
C ASP A 127 0.43 7.19 15.96
N GLU A 128 1.39 7.98 15.43
CA GLU A 128 1.42 8.43 14.03
C GLU A 128 2.21 7.44 13.16
N TYR A 129 2.78 6.39 13.79
CA TYR A 129 3.66 5.41 13.17
C TYR A 129 3.21 4.00 13.41
N SER A 130 3.77 3.09 12.61
CA SER A 130 3.52 1.66 12.71
C SER A 130 4.74 0.88 12.25
N LEU A 131 4.76 -0.38 12.66
CA LEU A 131 5.75 -1.36 12.25
C LEU A 131 5.09 -2.28 11.26
N VAL A 132 5.82 -2.56 10.20
CA VAL A 132 5.36 -3.39 9.10
C VAL A 132 6.38 -4.48 8.94
N ARG A 133 6.03 -5.54 8.21
CA ARG A 133 6.90 -6.68 7.93
C ARG A 133 7.54 -6.48 6.59
N GLU A 134 8.82 -6.89 6.45
CA GLU A 134 9.60 -6.78 5.21
C GLU A 134 9.13 -7.80 4.20
N LEU A 135 9.06 -9.05 4.65
CA LEU A 135 8.60 -10.17 3.87
C LEU A 135 7.62 -10.96 4.71
N MET A 136 6.40 -11.10 4.21
CA MET A 136 5.36 -11.84 4.89
C MET A 136 5.40 -13.30 4.42
N GLU A 137 5.62 -14.23 5.38
CA GLU A 137 5.70 -15.66 5.07
C GLU A 137 4.30 -16.17 4.71
N GLU A 138 4.08 -16.39 3.40
CA GLU A 138 2.84 -16.85 2.77
C GLU A 138 2.42 -18.24 3.30
N LYS A 139 3.40 -19.14 3.55
CA LYS A 139 3.20 -20.50 4.09
C LYS A 139 2.51 -20.44 5.46
N LYS A 140 2.86 -19.42 6.27
CA LYS A 140 2.28 -19.16 7.61
C LYS A 140 1.20 -18.06 7.46
N ASP A 141 0.39 -17.82 8.52
CA ASP A 141 -0.64 -16.78 8.48
C ASP A 141 -0.06 -15.38 8.82
N GLU A 142 1.24 -15.19 8.52
CA GLU A 142 2.01 -13.97 8.76
C GLU A 142 1.84 -12.99 7.58
N LEU A 143 1.06 -11.91 7.80
CA LEU A 143 0.82 -10.89 6.79
C LEU A 143 1.85 -9.78 6.93
N ASN A 144 1.88 -8.82 5.96
CA ASN A 144 2.78 -7.67 6.05
C ASN A 144 2.31 -6.80 7.22
N TRP A 145 0.99 -6.79 7.47
CA TRP A 145 0.36 -6.09 8.57
C TRP A 145 0.62 -6.83 9.88
N LEU A 146 0.95 -6.05 10.94
CA LEU A 146 1.21 -6.58 12.26
C LEU A 146 0.17 -6.13 13.28
N ASP A 147 -0.36 -7.07 14.06
CA ASP A 147 -1.28 -6.77 15.14
C ASP A 147 -0.45 -6.14 16.25
N HIS A 148 -0.64 -4.83 16.48
CA HIS A 148 0.16 -4.11 17.44
C HIS A 148 -0.21 -4.44 18.92
N GLY A 149 -1.24 -5.26 19.13
CA GLY A 149 -1.64 -5.74 20.45
C GLY A 149 -1.07 -7.11 20.80
N ARG A 150 -0.43 -7.77 19.85
CA ARG A 150 0.20 -9.07 20.06
C ARG A 150 1.74 -8.87 20.05
N THR A 151 2.48 -9.87 20.53
CA THR A 151 3.95 -9.88 20.62
C THR A 151 4.64 -10.28 19.31
N LEU A 152 5.96 -9.94 19.20
CA LEU A 152 6.76 -10.34 18.04
C LEU A 152 6.90 -11.86 17.96
N ARG A 153 7.16 -12.52 19.11
CA ARG A 153 7.29 -13.97 19.19
C ARG A 153 6.07 -14.67 18.62
N GLU A 154 4.85 -14.31 19.12
CA GLU A 154 3.64 -15.00 18.69
C GLU A 154 3.32 -14.74 17.20
N GLN A 155 3.91 -13.70 16.60
CA GLN A 155 3.64 -13.42 15.21
C GLN A 155 4.69 -14.05 14.27
N GLY A 156 5.66 -14.79 14.83
CA GLY A 156 6.68 -15.46 14.05
C GLY A 156 7.71 -14.52 13.46
N VAL A 157 7.96 -13.42 14.18
CA VAL A 157 8.97 -12.45 13.76
C VAL A 157 10.29 -12.95 14.33
N GLU A 158 11.09 -13.63 13.48
CA GLU A 158 12.38 -14.21 13.86
C GLU A 158 13.38 -13.07 14.02
N GLU A 159 14.31 -13.19 14.97
CA GLU A 159 15.27 -12.12 15.33
C GLU A 159 16.12 -11.56 14.14
N HIS A 160 16.31 -12.34 13.06
CA HIS A 160 17.03 -11.89 11.87
C HIS A 160 16.11 -11.16 10.87
N GLU A 161 14.80 -11.01 11.21
CA GLU A 161 13.80 -10.31 10.40
C GLU A 161 13.81 -8.82 10.74
N THR A 162 13.64 -8.00 9.73
CA THR A 162 13.63 -6.58 9.90
C THR A 162 12.21 -6.11 9.87
N LEU A 163 11.91 -5.06 10.63
CA LEU A 163 10.60 -4.44 10.60
C LEU A 163 10.74 -3.02 10.09
N LEU A 164 9.80 -2.52 9.28
CA LEU A 164 9.91 -1.14 8.77
C LEU A 164 9.13 -0.18 9.57
N LEU A 165 9.74 0.96 9.88
CA LEU A 165 9.05 2.07 10.49
C LEU A 165 8.39 2.88 9.36
N ARG A 166 7.06 3.05 9.46
CA ARG A 166 6.25 3.76 8.47
C ARG A 166 5.27 4.67 9.13
N ARG A 167 5.21 5.93 8.66
CA ARG A 167 4.23 6.87 9.18
C ARG A 167 2.88 6.55 8.58
N LYS A 168 1.83 6.69 9.39
CA LYS A 168 0.45 6.47 8.98
C LYS A 168 0.05 7.56 8.00
N PHE A 169 -0.63 7.16 6.92
CA PHE A 169 -1.04 8.05 5.86
C PHE A 169 -2.37 8.71 6.14
N PHE A 170 -2.46 10.04 5.95
CA PHE A 170 -3.67 10.85 6.07
C PHE A 170 -3.62 11.94 5.03
N TYR A 171 -4.70 12.07 4.24
CA TYR A 171 -4.81 13.08 3.19
C TYR A 171 -6.26 13.38 2.92
N SER A 172 -6.56 14.66 2.71
CA SER A 172 -7.89 15.11 2.35
C SER A 172 -7.88 16.49 1.67
N ASP A 173 -8.96 16.75 0.91
CA ASP A 173 -9.28 17.99 0.19
C ASP A 173 -10.80 18.01 -0.11
N GLN A 174 -11.25 18.91 -1.01
CA GLN A 174 -12.66 19.03 -1.41
C GLN A 174 -13.15 17.76 -2.10
N ASN A 175 -12.26 17.16 -2.92
CA ASN A 175 -12.53 15.95 -3.70
C ASN A 175 -12.51 14.65 -2.88
N VAL A 176 -11.31 14.29 -2.33
CA VAL A 176 -11.02 13.04 -1.64
C VAL A 176 -10.66 13.22 -0.14
N ASP A 177 -10.97 12.18 0.66
CA ASP A 177 -10.62 12.08 2.06
C ASP A 177 -10.29 10.63 2.40
N SER A 178 -9.03 10.39 2.79
CA SER A 178 -8.48 9.07 3.13
C SER A 178 -9.28 8.38 4.27
N ARG A 179 -10.02 9.16 5.08
CA ARG A 179 -10.79 8.66 6.23
C ARG A 179 -12.18 8.14 5.82
N ASP A 180 -12.61 8.42 4.59
CA ASP A 180 -13.86 7.94 4.00
C ASP A 180 -13.49 6.94 2.88
N PRO A 181 -13.22 5.67 3.23
CA PRO A 181 -12.78 4.69 2.22
C PRO A 181 -13.84 4.35 1.17
N VAL A 182 -15.13 4.53 1.54
CA VAL A 182 -16.29 4.31 0.67
C VAL A 182 -16.22 5.29 -0.48
N GLN A 183 -16.22 6.60 -0.16
CA GLN A 183 -16.17 7.60 -1.21
C GLN A 183 -14.90 7.47 -2.03
N LEU A 184 -13.77 7.21 -1.36
CA LEU A 184 -12.49 7.06 -2.03
C LEU A 184 -12.53 5.89 -3.02
N ASN A 185 -13.22 4.79 -2.66
CA ASN A 185 -13.34 3.63 -3.56
C ASN A 185 -14.22 3.97 -4.77
N LEU A 186 -15.21 4.87 -4.61
CA LEU A 186 -16.08 5.28 -5.72
C LEU A 186 -15.29 6.05 -6.76
N LEU A 187 -14.44 6.97 -6.28
CA LEU A 187 -13.55 7.79 -7.09
C LEU A 187 -12.52 6.94 -7.78
N TYR A 188 -11.95 5.97 -7.04
CA TYR A 188 -10.93 5.10 -7.55
C TYR A 188 -11.45 4.26 -8.69
N VAL A 189 -12.54 3.53 -8.45
CA VAL A 189 -13.13 2.62 -9.44
C VAL A 189 -13.50 3.38 -10.73
N GLN A 190 -14.13 4.56 -10.61
CA GLN A 190 -14.52 5.37 -11.76
C GLN A 190 -13.32 5.72 -12.60
N ALA A 191 -12.28 6.33 -11.95
CA ALA A 191 -11.05 6.77 -12.59
C ALA A 191 -10.35 5.60 -13.26
N ARG A 192 -10.23 4.48 -12.55
CA ARG A 192 -9.61 3.26 -13.04
C ARG A 192 -10.32 2.74 -14.27
N ASP A 193 -11.65 2.69 -14.22
CA ASP A 193 -12.42 2.11 -15.31
C ASP A 193 -12.36 2.92 -16.53
N ASP A 194 -12.32 4.25 -16.38
CA ASP A 194 -12.19 5.14 -17.54
C ASP A 194 -10.89 4.95 -18.19
N ILE A 195 -9.83 4.69 -17.41
CA ILE A 195 -8.49 4.50 -17.94
C ILE A 195 -8.38 3.12 -18.67
N LEU A 196 -8.83 2.05 -18.03
CA LEU A 196 -8.77 0.73 -18.61
C LEU A 196 -9.62 0.59 -19.88
N ASN A 197 -10.78 1.29 -19.96
CA ASN A 197 -11.62 1.15 -21.16
C ASN A 197 -11.38 2.24 -22.23
N GLY A 198 -10.32 3.03 -22.07
CA GLY A 198 -9.93 4.04 -23.05
C GLY A 198 -10.76 5.31 -23.10
N SER A 199 -11.81 5.44 -22.23
CA SER A 199 -12.66 6.64 -22.10
C SER A 199 -11.83 7.80 -21.71
N HIS A 200 -10.81 7.56 -20.87
CA HIS A 200 -9.82 8.56 -20.51
C HIS A 200 -8.48 8.14 -21.15
N PRO A 201 -8.18 8.72 -22.32
CA PRO A 201 -6.93 8.39 -22.99
C PRO A 201 -5.71 8.98 -22.28
N VAL A 202 -4.71 8.12 -22.03
CA VAL A 202 -3.46 8.43 -21.36
C VAL A 202 -2.29 7.84 -22.20
N SER A 203 -1.06 8.27 -21.90
CA SER A 203 0.15 7.76 -22.54
C SER A 203 0.47 6.35 -22.04
N PHE A 204 1.41 5.68 -22.71
CA PHE A 204 1.84 4.36 -22.32
C PHE A 204 2.54 4.43 -20.96
N ASP A 205 3.43 5.39 -20.83
CA ASP A 205 4.16 5.61 -19.60
C ASP A 205 3.19 5.84 -18.42
N LYS A 206 2.13 6.67 -18.58
CA LYS A 206 1.12 6.89 -17.52
C LYS A 206 0.32 5.63 -17.24
N ALA A 207 -0.05 4.86 -18.31
CA ALA A 207 -0.80 3.61 -18.15
C ALA A 207 -0.03 2.64 -17.26
N CYS A 208 1.30 2.62 -17.39
CA CYS A 208 2.13 1.73 -16.59
C CYS A 208 2.21 2.20 -15.12
N GLU A 209 2.13 3.53 -14.85
CA GLU A 209 2.08 4.08 -13.49
C GLU A 209 0.74 3.72 -12.85
N PHE A 210 -0.35 3.92 -13.59
CA PHE A 210 -1.64 3.58 -13.05
C PHE A 210 -1.69 2.07 -12.78
N ALA A 211 -1.05 1.25 -13.67
CA ALA A 211 -1.03 -0.19 -13.45
C ALA A 211 -0.22 -0.57 -12.18
N GLY A 212 0.91 0.10 -11.90
CA GLY A 212 1.70 -0.09 -10.69
C GLY A 212 0.89 0.12 -9.41
N PHE A 213 0.07 1.19 -9.35
CA PHE A 213 -0.82 1.44 -8.20
C PHE A 213 -1.88 0.37 -8.14
N GLN A 214 -2.43 0.00 -9.30
CA GLN A 214 -3.49 -1.02 -9.38
C GLN A 214 -2.97 -2.32 -8.80
N CYS A 215 -1.71 -2.69 -9.10
CA CYS A 215 -1.04 -3.86 -8.54
C CYS A 215 -0.97 -3.74 -7.06
N GLN A 216 -0.48 -2.61 -6.59
CA GLN A 216 -0.35 -2.34 -5.17
C GLN A 216 -1.71 -2.51 -4.46
N ILE A 217 -2.81 -1.99 -5.04
CA ILE A 217 -4.16 -2.07 -4.46
C ILE A 217 -4.66 -3.52 -4.43
N GLN A 218 -4.53 -4.25 -5.56
CA GLN A 218 -5.01 -5.62 -5.72
C GLN A 218 -4.08 -6.73 -5.18
N PHE A 219 -2.78 -6.47 -4.95
CA PHE A 219 -1.87 -7.54 -4.51
C PHE A 219 -0.99 -7.18 -3.35
N GLY A 220 -1.09 -5.94 -2.88
CA GLY A 220 -0.24 -5.45 -1.81
C GLY A 220 1.18 -5.21 -2.31
N PRO A 221 2.12 -4.87 -1.39
CA PRO A 221 3.51 -4.62 -1.78
C PRO A 221 4.09 -5.69 -2.69
N HIS A 222 4.88 -5.21 -3.66
CA HIS A 222 5.53 -6.04 -4.67
C HIS A 222 6.36 -7.13 -4.02
N ASN A 223 6.13 -8.36 -4.47
CA ASN A 223 6.84 -9.54 -4.01
C ASN A 223 7.55 -10.13 -5.23
N GLU A 224 8.88 -10.03 -5.30
CA GLU A 224 9.64 -10.50 -6.47
C GLU A 224 9.54 -12.02 -6.68
N GLN A 225 9.31 -12.77 -5.60
CA GLN A 225 9.20 -14.21 -5.67
C GLN A 225 7.83 -14.67 -6.21
N LYS A 226 6.82 -13.81 -6.17
CA LYS A 226 5.45 -14.15 -6.60
C LYS A 226 5.02 -13.35 -7.82
N HIS A 227 5.46 -12.09 -7.91
CA HIS A 227 5.09 -11.17 -8.98
C HIS A 227 6.14 -11.20 -10.07
N LYS A 228 6.19 -12.36 -10.73
CA LYS A 228 7.13 -12.74 -11.78
C LYS A 228 6.53 -12.63 -13.19
N ALA A 229 7.33 -12.95 -14.22
CA ALA A 229 6.95 -12.89 -15.62
C ALA A 229 5.70 -13.69 -15.87
N GLY A 230 4.73 -13.09 -16.54
CA GLY A 230 3.47 -13.76 -16.86
C GLY A 230 2.48 -13.91 -15.71
N PHE A 231 2.72 -13.22 -14.57
CA PHE A 231 1.82 -13.26 -13.40
C PHE A 231 0.60 -12.42 -13.71
N LEU A 232 0.81 -11.26 -14.34
CA LEU A 232 -0.27 -10.35 -14.67
C LEU A 232 -0.97 -10.71 -15.96
N ASP A 233 -2.30 -10.59 -15.94
CA ASP A 233 -3.12 -10.65 -17.14
C ASP A 233 -3.21 -9.19 -17.51
N LEU A 234 -2.35 -8.76 -18.45
CA LEU A 234 -2.21 -7.36 -18.85
C LEU A 234 -3.50 -6.74 -19.36
N LYS A 235 -4.44 -7.52 -19.87
CA LYS A 235 -5.71 -7.01 -20.36
C LYS A 235 -6.48 -6.30 -19.28
N ASP A 236 -6.30 -6.75 -18.02
CA ASP A 236 -6.99 -6.24 -16.85
C ASP A 236 -6.31 -5.04 -16.26
N PHE A 237 -5.07 -4.73 -16.70
CA PHE A 237 -4.27 -3.64 -16.15
C PHE A 237 -3.95 -2.52 -17.11
N LEU A 238 -4.15 -2.75 -18.40
CA LEU A 238 -3.80 -1.74 -19.39
C LEU A 238 -4.88 -1.51 -20.39
N PRO A 239 -4.99 -0.28 -20.93
CA PRO A 239 -5.87 -0.06 -22.08
C PRO A 239 -5.42 -1.02 -23.20
N LYS A 240 -6.39 -1.68 -23.88
CA LYS A 240 -6.15 -2.72 -24.91
C LYS A 240 -5.01 -2.36 -25.87
N GLU A 241 -4.98 -1.10 -26.33
CA GLU A 241 -3.96 -0.59 -27.25
C GLU A 241 -2.50 -0.72 -26.68
N TYR A 242 -2.31 -0.97 -25.38
CA TYR A 242 -0.96 -1.06 -24.81
C TYR A 242 -0.58 -2.47 -24.37
N VAL A 243 -1.43 -3.44 -24.67
CA VAL A 243 -1.24 -4.83 -24.27
C VAL A 243 -0.14 -5.43 -25.14
N LYS A 244 -0.14 -5.05 -26.43
CA LYS A 244 0.88 -5.45 -27.42
C LYS A 244 2.29 -5.23 -26.84
N GLN A 245 2.59 -3.98 -26.40
CA GLN A 245 3.83 -3.57 -25.78
C GLN A 245 4.22 -4.41 -24.53
N LYS A 246 5.54 -4.51 -24.23
CA LYS A 246 6.06 -5.24 -23.06
C LYS A 246 5.96 -4.32 -21.81
N GLY A 247 4.72 -4.09 -21.41
CA GLY A 247 4.42 -3.25 -20.26
C GLY A 247 4.75 -3.85 -18.92
N GLU A 248 4.80 -5.20 -18.81
CA GLU A 248 5.00 -5.92 -17.53
C GLU A 248 6.25 -5.44 -16.75
N ARG A 249 7.42 -5.33 -17.41
CA ARG A 249 8.64 -4.84 -16.75
C ARG A 249 8.40 -3.43 -16.13
N LYS A 250 7.80 -2.54 -16.93
CA LYS A 250 7.47 -1.18 -16.52
C LYS A 250 6.52 -1.21 -15.35
N ILE A 251 5.46 -2.04 -15.44
CA ILE A 251 4.46 -2.14 -14.38
C ILE A 251 5.07 -2.68 -13.09
N PHE A 252 5.92 -3.73 -13.17
CA PHE A 252 6.52 -4.28 -11.97
C PHE A 252 7.49 -3.32 -11.31
N GLN A 253 8.20 -2.49 -12.11
CA GLN A 253 9.06 -1.47 -11.53
C GLN A 253 8.19 -0.41 -10.80
N ALA A 254 7.02 -0.02 -11.37
CA ALA A 254 6.13 0.97 -10.76
C ALA A 254 5.53 0.42 -9.48
N HIS A 255 5.16 -0.86 -9.51
CA HIS A 255 4.64 -1.59 -8.37
C HIS A 255 5.72 -1.59 -7.25
N LYS A 256 6.93 -1.97 -7.61
CA LYS A 256 8.10 -2.02 -6.73
C LYS A 256 8.38 -0.63 -6.09
N ASN A 257 8.26 0.46 -6.89
CA ASN A 257 8.49 1.84 -6.46
C ASN A 257 7.47 2.28 -5.43
N CYS A 258 6.35 1.56 -5.31
CA CYS A 258 5.32 1.90 -4.32
C CYS A 258 5.78 1.55 -2.88
N GLY A 259 6.74 0.61 -2.76
CA GLY A 259 7.20 0.12 -1.47
C GLY A 259 6.03 -0.51 -0.73
N GLN A 260 5.94 -0.29 0.58
CA GLN A 260 4.90 -0.83 1.44
C GLN A 260 3.78 0.18 1.64
N MET A 261 3.35 0.81 0.56
CA MET A 261 2.31 1.83 0.58
C MET A 261 0.97 1.16 0.80
N SER A 262 0.12 1.71 1.68
CA SER A 262 -1.20 1.16 1.97
C SER A 262 -2.12 1.21 0.73
N GLU A 263 -3.18 0.42 0.76
CA GLU A 263 -4.17 0.36 -0.30
C GLU A 263 -4.83 1.73 -0.47
N ILE A 264 -5.13 2.39 0.66
CA ILE A 264 -5.77 3.69 0.74
C ILE A 264 -4.89 4.76 0.06
N GLU A 265 -3.59 4.80 0.42
CA GLU A 265 -2.63 5.73 -0.13
C GLU A 265 -2.51 5.50 -1.63
N ALA A 266 -2.46 4.23 -2.08
CA ALA A 266 -2.37 3.90 -3.51
C ALA A 266 -3.62 4.34 -4.27
N LYS A 267 -4.86 4.18 -3.68
CA LYS A 267 -6.08 4.70 -4.30
C LYS A 267 -6.04 6.24 -4.39
N VAL A 268 -5.66 6.93 -3.28
CA VAL A 268 -5.56 8.40 -3.24
C VAL A 268 -4.57 8.84 -4.31
N ARG A 269 -3.37 8.23 -4.36
CA ARG A 269 -2.37 8.58 -5.39
C ARG A 269 -2.88 8.33 -6.81
N TYR A 270 -3.58 7.22 -7.07
CA TYR A 270 -4.20 6.91 -8.37
C TYR A 270 -5.09 8.07 -8.81
N VAL A 271 -6.14 8.38 -8.00
CA VAL A 271 -7.14 9.45 -8.23
C VAL A 271 -6.47 10.82 -8.46
N LYS A 272 -5.57 11.23 -7.57
CA LYS A 272 -4.90 12.50 -7.71
C LYS A 272 -4.08 12.56 -9.03
N LEU A 273 -3.37 11.46 -9.38
CA LEU A 273 -2.62 11.34 -10.63
C LEU A 273 -3.61 11.42 -11.85
N ALA A 274 -4.75 10.70 -11.81
CA ALA A 274 -5.74 10.76 -12.91
C ALA A 274 -6.26 12.20 -13.14
N ARG A 275 -6.65 12.88 -12.04
CA ARG A 275 -7.17 14.24 -12.02
C ARG A 275 -6.10 15.31 -12.40
N SER A 276 -4.82 14.97 -12.32
CA SER A 276 -3.75 15.91 -12.69
C SER A 276 -3.58 16.07 -14.20
N LEU A 277 -3.93 15.03 -14.99
CA LEU A 277 -3.76 14.98 -16.45
C LEU A 277 -4.73 15.89 -17.14
N LYS A 278 -4.27 16.48 -18.27
CA LYS A 278 -5.08 17.44 -19.04
C LYS A 278 -6.22 16.75 -19.74
N THR A 279 -6.04 15.48 -19.97
CA THR A 279 -7.05 14.69 -20.60
C THR A 279 -8.20 14.33 -19.62
N TYR A 280 -8.04 14.54 -18.28
CA TYR A 280 -9.09 14.15 -17.31
C TYR A 280 -10.37 15.00 -17.48
N GLY A 281 -11.51 14.33 -17.46
CA GLY A 281 -12.83 14.93 -17.62
C GLY A 281 -13.07 15.49 -19.00
N VAL A 282 -12.44 14.88 -20.00
CA VAL A 282 -12.55 15.33 -21.38
C VAL A 282 -13.21 14.24 -22.16
N SER A 283 -14.22 14.62 -22.94
CA SER A 283 -15.00 13.70 -23.78
C SER A 283 -14.29 13.59 -25.13
N PHE A 284 -13.80 12.41 -25.45
CA PHE A 284 -12.96 12.20 -26.59
C PHE A 284 -13.69 11.46 -27.66
N PHE A 285 -13.34 11.74 -28.90
CA PHE A 285 -13.88 11.08 -30.06
C PHE A 285 -12.75 10.67 -30.93
N LEU A 286 -12.76 9.42 -31.38
CA LEU A 286 -11.71 9.01 -32.31
C LEU A 286 -12.15 9.44 -33.73
N VAL A 287 -11.40 10.38 -34.32
CA VAL A 287 -11.66 10.90 -35.65
C VAL A 287 -10.48 10.62 -36.58
N LYS A 288 -10.65 10.92 -37.86
CA LYS A 288 -9.63 10.74 -38.90
C LYS A 288 -9.48 12.04 -39.68
N GLU A 289 -8.25 12.45 -39.97
CA GLU A 289 -7.94 13.69 -40.67
C GLU A 289 -7.54 13.37 -42.10
N LYS A 290 -8.09 14.15 -43.04
CA LYS A 290 -7.77 13.97 -44.46
C LYS A 290 -6.41 14.57 -44.76
N MET A 291 -5.63 13.89 -45.61
CA MET A 291 -4.33 14.34 -46.05
C MET A 291 -4.45 14.80 -47.51
N LYS A 292 -4.29 16.11 -47.75
CA LYS A 292 -4.37 16.77 -49.07
C LYS A 292 -3.49 16.07 -50.11
N GLY A 293 -4.15 15.67 -51.19
CA GLY A 293 -3.52 14.98 -52.30
C GLY A 293 -3.16 13.52 -52.05
N LYS A 294 -3.50 13.00 -50.85
CA LYS A 294 -3.22 11.60 -50.51
C LYS A 294 -4.52 10.89 -50.13
N ASN A 295 -4.52 9.54 -50.22
CA ASN A 295 -5.68 8.68 -49.95
C ASN A 295 -5.65 8.11 -48.50
N LYS A 296 -4.56 8.37 -47.77
CA LYS A 296 -4.43 7.99 -46.39
C LYS A 296 -5.18 9.00 -45.50
N LEU A 297 -5.62 8.53 -44.34
CA LEU A 297 -6.25 9.34 -43.30
C LEU A 297 -5.40 9.20 -42.04
N VAL A 298 -5.32 10.28 -41.23
CA VAL A 298 -4.52 10.24 -40.01
C VAL A 298 -5.49 10.19 -38.83
N PRO A 299 -5.43 9.10 -38.04
CA PRO A 299 -6.31 9.00 -36.85
C PRO A 299 -5.91 10.00 -35.77
N ARG A 300 -6.90 10.63 -35.13
CA ARG A 300 -6.67 11.66 -34.13
C ARG A 300 -7.73 11.62 -33.06
N LEU A 301 -7.40 12.09 -31.87
CA LEU A 301 -8.39 12.14 -30.80
C LEU A 301 -8.84 13.54 -30.63
N LEU A 302 -10.15 13.81 -30.78
CA LEU A 302 -10.75 15.14 -30.58
C LEU A 302 -11.46 15.19 -29.23
N GLY A 303 -11.06 16.11 -28.36
CA GLY A 303 -11.66 16.25 -27.04
C GLY A 303 -12.51 17.49 -26.91
N ILE A 304 -13.62 17.41 -26.13
CA ILE A 304 -14.54 18.53 -25.86
C ILE A 304 -14.76 18.70 -24.34
N THR A 305 -14.76 19.96 -23.86
CA THR A 305 -15.10 20.33 -22.47
C THR A 305 -15.88 21.62 -22.50
N LYS A 306 -16.47 22.02 -21.36
CA LYS A 306 -17.21 23.28 -21.25
C LYS A 306 -16.32 24.47 -21.61
N GLU A 307 -14.99 24.31 -21.54
CA GLU A 307 -14.12 25.45 -21.80
C GLU A 307 -13.37 25.32 -23.08
N CYS A 308 -13.00 24.08 -23.51
CA CYS A 308 -12.18 24.00 -24.71
C CYS A 308 -12.37 22.75 -25.58
N VAL A 309 -11.73 22.81 -26.75
CA VAL A 309 -11.64 21.75 -27.77
C VAL A 309 -10.14 21.36 -27.92
N MET A 310 -9.82 20.08 -27.84
CA MET A 310 -8.43 19.70 -27.98
C MET A 310 -8.23 18.67 -29.08
N ARG A 311 -7.09 18.74 -29.75
CA ARG A 311 -6.67 17.85 -30.81
C ARG A 311 -5.46 17.09 -30.27
N VAL A 312 -5.69 15.82 -29.93
CA VAL A 312 -4.75 14.95 -29.23
C VAL A 312 -4.25 13.84 -30.10
N ASP A 313 -2.94 13.61 -30.07
CA ASP A 313 -2.30 12.54 -30.80
C ASP A 313 -2.84 11.17 -30.32
N GLU A 314 -3.34 10.34 -31.25
CA GLU A 314 -3.93 9.04 -30.99
C GLU A 314 -2.95 8.04 -30.33
N LYS A 315 -1.62 8.15 -30.58
CA LYS A 315 -0.63 7.21 -30.05
C LYS A 315 0.03 7.66 -28.76
N THR A 316 0.55 8.88 -28.75
CA THR A 316 1.25 9.44 -27.60
C THR A 316 0.28 10.13 -26.61
N LYS A 317 -0.88 10.63 -27.10
CA LYS A 317 -1.87 11.33 -26.27
C LYS A 317 -1.40 12.70 -25.83
N GLU A 318 -0.61 13.33 -26.71
CA GLU A 318 -0.08 14.68 -26.55
C GLU A 318 -1.09 15.61 -27.10
N VAL A 319 -1.31 16.75 -26.46
CA VAL A 319 -2.20 17.79 -26.97
C VAL A 319 -1.37 18.58 -27.96
N ILE A 320 -1.62 18.41 -29.25
CA ILE A 320 -0.84 19.08 -30.29
C ILE A 320 -1.47 20.44 -30.68
N GLN A 321 -2.74 20.66 -30.28
CA GLN A 321 -3.48 21.90 -30.47
C GLN A 321 -4.62 22.00 -29.50
N GLU A 322 -5.03 23.19 -29.19
CA GLU A 322 -6.25 23.38 -28.44
C GLU A 322 -6.87 24.76 -28.76
N TRP A 323 -8.19 24.86 -28.63
CA TRP A 323 -8.98 26.08 -28.86
C TRP A 323 -9.94 26.31 -27.75
N SER A 324 -10.24 27.56 -27.48
CA SER A 324 -11.21 27.85 -26.46
C SER A 324 -12.54 27.69 -27.10
N LEU A 325 -13.55 27.25 -26.38
CA LEU A 325 -14.88 27.13 -26.97
C LEU A 325 -15.41 28.48 -27.45
N THR A 326 -14.92 29.58 -26.85
CA THR A 326 -15.30 30.95 -27.22
C THR A 326 -14.66 31.40 -28.53
N ASN A 327 -13.75 30.61 -29.12
CA ASN A 327 -13.16 30.94 -30.41
C ASN A 327 -14.01 30.37 -31.55
N ILE A 328 -14.93 29.41 -31.25
CA ILE A 328 -15.76 28.80 -32.29
C ILE A 328 -16.73 29.84 -32.83
N LYS A 329 -16.69 30.04 -34.15
CA LYS A 329 -17.55 30.95 -34.86
C LYS A 329 -18.76 30.15 -35.34
N ARG A 330 -18.50 29.00 -35.98
CA ARG A 330 -19.52 28.09 -36.50
C ARG A 330 -19.04 26.64 -36.43
N TRP A 331 -19.97 25.70 -36.41
CA TRP A 331 -19.63 24.30 -36.47
C TRP A 331 -20.67 23.62 -37.36
N ALA A 332 -20.33 22.51 -38.02
CA ALA A 332 -21.22 21.81 -38.93
C ALA A 332 -20.91 20.32 -39.03
N ALA A 333 -21.94 19.47 -38.95
CA ALA A 333 -21.86 18.01 -39.02
C ALA A 333 -22.64 17.39 -40.19
N SER A 334 -22.09 16.29 -40.72
CA SER A 334 -22.69 15.47 -41.77
C SER A 334 -22.59 14.00 -41.32
N PRO A 335 -23.25 13.00 -41.96
CA PRO A 335 -23.10 11.62 -41.46
C PRO A 335 -21.69 11.04 -41.63
N LYS A 336 -20.75 11.76 -42.30
CA LYS A 336 -19.39 11.22 -42.47
C LYS A 336 -18.24 12.15 -41.98
N SER A 337 -18.57 13.37 -41.52
CA SER A 337 -17.58 14.37 -41.14
C SER A 337 -18.14 15.45 -40.20
N PHE A 338 -17.23 16.18 -39.57
CA PHE A 338 -17.50 17.27 -38.64
C PHE A 338 -16.51 18.38 -38.88
N THR A 339 -16.98 19.60 -38.82
CA THR A 339 -16.14 20.75 -39.13
C THR A 339 -16.34 21.89 -38.16
N LEU A 340 -15.20 22.45 -37.76
CA LEU A 340 -15.12 23.61 -36.90
C LEU A 340 -14.60 24.83 -37.65
N ASP A 341 -15.30 25.95 -37.48
CA ASP A 341 -14.88 27.24 -38.00
C ASP A 341 -14.53 28.13 -36.81
N PHE A 342 -13.28 28.58 -36.77
CA PHE A 342 -12.76 29.45 -35.72
C PHE A 342 -12.62 30.87 -36.22
N GLY A 343 -13.01 31.09 -37.48
CA GLY A 343 -12.97 32.39 -38.15
C GLY A 343 -11.60 33.02 -38.20
N ASP A 344 -11.42 34.15 -37.48
CA ASP A 344 -10.20 34.92 -37.37
C ASP A 344 -9.10 34.19 -36.55
N TYR A 345 -9.50 33.36 -35.54
CA TYR A 345 -8.57 32.67 -34.63
C TYR A 345 -7.83 31.48 -35.24
N GLN A 346 -7.85 31.35 -36.59
CA GLN A 346 -7.15 30.26 -37.31
C GLN A 346 -7.38 30.39 -38.83
N ASP A 347 -6.32 30.06 -39.60
CA ASP A 347 -6.36 30.05 -41.06
C ASP A 347 -6.68 28.61 -41.52
N GLY A 348 -7.91 28.45 -42.01
CA GLY A 348 -8.51 27.20 -42.44
C GLY A 348 -9.49 26.69 -41.41
N TYR A 349 -10.48 25.87 -41.80
CA TYR A 349 -11.38 25.25 -40.83
C TYR A 349 -10.68 24.03 -40.22
N TYR A 350 -11.22 23.46 -39.16
CA TYR A 350 -10.68 22.20 -38.69
C TYR A 350 -11.74 21.17 -39.02
N SER A 351 -11.47 20.30 -40.01
CA SER A 351 -12.44 19.30 -40.43
C SER A 351 -11.87 17.91 -40.31
N VAL A 352 -12.73 16.99 -39.88
CA VAL A 352 -12.34 15.59 -39.67
C VAL A 352 -13.44 14.66 -40.14
N GLN A 353 -13.04 13.43 -40.45
CA GLN A 353 -13.91 12.36 -40.89
C GLN A 353 -14.34 11.57 -39.67
N THR A 354 -15.66 11.46 -39.46
CA THR A 354 -16.29 10.81 -38.32
C THR A 354 -17.77 10.45 -38.59
N THR A 355 -18.19 9.35 -37.98
CA THR A 355 -19.56 8.84 -38.06
C THR A 355 -20.39 9.44 -36.93
N GLU A 356 -19.71 10.04 -35.96
CA GLU A 356 -20.33 10.58 -34.76
C GLU A 356 -20.37 12.09 -34.75
N GLY A 357 -20.39 12.71 -35.93
CA GLY A 357 -20.39 14.16 -36.09
C GLY A 357 -21.54 14.84 -35.38
N GLU A 358 -22.72 14.22 -35.42
CA GLU A 358 -23.94 14.77 -34.81
C GLU A 358 -23.76 14.77 -33.28
N GLN A 359 -23.23 13.68 -32.73
CA GLN A 359 -22.94 13.55 -31.30
C GLN A 359 -22.00 14.68 -30.85
N ILE A 360 -20.94 14.94 -31.64
CA ILE A 360 -19.96 15.98 -31.38
C ILE A 360 -20.63 17.32 -31.41
N ALA A 361 -21.38 17.56 -32.45
CA ALA A 361 -22.01 18.84 -32.63
C ALA A 361 -23.04 19.11 -31.51
N GLN A 362 -23.74 18.04 -31.05
CA GLN A 362 -24.75 18.06 -29.98
C GLN A 362 -24.11 18.53 -28.67
N LEU A 363 -22.94 17.96 -28.37
CA LEU A 363 -22.16 18.29 -27.21
C LEU A 363 -21.73 19.76 -27.20
N ILE A 364 -21.11 20.21 -28.32
CA ILE A 364 -20.66 21.59 -28.49
C ILE A 364 -21.86 22.54 -28.37
N ALA A 365 -22.98 22.23 -29.04
CA ALA A 365 -24.18 23.06 -28.95
C ALA A 365 -24.54 23.31 -27.48
N GLY A 366 -24.62 22.23 -26.71
CA GLY A 366 -24.93 22.24 -25.29
C GLY A 366 -24.03 23.13 -24.47
N TYR A 367 -22.70 23.01 -24.68
CA TYR A 367 -21.69 23.82 -23.99
C TYR A 367 -21.72 25.29 -24.40
N ILE A 368 -21.96 25.55 -25.70
CA ILE A 368 -22.03 26.93 -26.19
C ILE A 368 -23.29 27.58 -25.59
N ASP A 369 -24.40 26.83 -25.43
CA ASP A 369 -25.65 27.31 -24.83
C ASP A 369 -25.47 28.04 -23.51
N ILE A 370 -24.54 27.60 -22.64
CA ILE A 370 -24.43 28.23 -21.33
C ILE A 370 -23.91 29.69 -21.48
N ILE A 371 -22.70 29.91 -22.04
CA ILE A 371 -22.16 31.26 -22.23
C ILE A 371 -22.81 31.94 -23.44
N LEU A 372 -23.43 33.14 -23.23
CA LEU A 372 -24.12 33.94 -24.24
C LEU A 372 -25.23 33.14 -24.97
#